data_6N5C
#
_entry.id   6N5C
#
_cell.length_a   88.604
_cell.length_b   111.032
_cell.length_c   41.429
_cell.angle_alpha   90.00
_cell.angle_beta   90.00
_cell.angle_gamma   90.00
#
_symmetry.space_group_name_H-M   'P 21 21 21'
#
loop_
_entity.id
_entity.type
_entity.pdbx_description
1 polymer 'Inositol hexakisphosphate and diphosphoinositol-pentakisphosphate kinase 2'
2 non-polymer 'PHOSPHOAMINOPHOSPHONIC ACID-ADENYLATE ESTER'
3 non-polymer 'MAGNESIUM ION'
4 non-polymer '(1,1-difluoro-2-oxo-2-{[(1s,2R,3S,4s,5R,6S)-2,3,4,5,6-pentakis(phosphonooxy)cyclohexyl]amino}ethyl)phosphonic acid'
5 non-polymer 'ACETATE ION'
6 non-polymer 1,2-ETHANEDIOL
7 water water
#
_entity_poly.entity_id   1
_entity_poly.type   'polypeptide(L)'
_entity_poly.pdbx_seq_one_letter_code
;GSFTERQIVVGICSMAKKSKSKPMKEILERISLFKYITVVVFEEEVILNEPVENWPLCDCLISFHSKGFPLDKAVAYAKL
RNPFVINDLNMQYLIQDRREVYSILQAEGILLPRYAILNRDPNNPKECNLIEGEDHVEVNGEVFQKPFVEKPVSAEDHNV
YIYYPTSAGGGSQRLFRKIGSRSSVYSPESNVRKTGSYIYEEFMPTDGTDVKVYTVGPDYAHAEARKSPALDGKVERDSE
GKEVRYPVILNAREKLIAWKVCLAFKQTVCGFDLLRANGQSYVCDVNGFSFVKNSMKYYDDCAKILGNIVMRELAPQFHI
PWSIPLEAED
;
_entity_poly.pdbx_strand_id   A
#
loop_
_chem_comp.id
_chem_comp.type
_chem_comp.name
_chem_comp.formula
ACT non-polymer 'ACETATE ION' 'C2 H3 O2 -1'
ANP non-polymer 'PHOSPHOAMINOPHOSPHONIC ACID-ADENYLATE ESTER' 'C10 H17 N6 O12 P3'
EDO non-polymer 1,2-ETHANEDIOL 'C2 H6 O2'
KDJ non-polymer '(1,1-difluoro-2-oxo-2-{[(1s,2R,3S,4s,5R,6S)-2,3,4,5,6-pentakis(phosphonooxy)cyclohexyl]amino}ethyl)phosphonic acid' 'C8 H19 F2 N O24 P6'
MG non-polymer 'MAGNESIUM ION' 'Mg 2'
#
# COMPACT_ATOMS: atom_id res chain seq x y z
N GLN A 7 -12.46 28.51 -11.81
CA GLN A 7 -11.81 27.15 -11.91
C GLN A 7 -11.99 26.35 -10.63
N ILE A 8 -12.17 25.03 -10.75
CA ILE A 8 -12.08 24.08 -9.61
C ILE A 8 -10.59 23.83 -9.36
N VAL A 9 -10.12 24.01 -8.14
CA VAL A 9 -8.67 23.82 -7.82
C VAL A 9 -8.49 22.44 -7.21
N VAL A 10 -7.62 21.63 -7.83
CA VAL A 10 -7.19 20.32 -7.28
C VAL A 10 -5.82 20.55 -6.65
N GLY A 11 -5.74 20.37 -5.33
CA GLY A 11 -4.51 20.50 -4.55
C GLY A 11 -3.80 19.17 -4.37
N ILE A 12 -2.50 19.13 -4.65
CA ILE A 12 -1.63 17.94 -4.44
C ILE A 12 -0.73 18.22 -3.23
N CYS A 13 -0.88 17.43 -2.18
CA CYS A 13 -0.17 17.60 -0.89
C CYS A 13 0.56 16.30 -0.54
N SER A 14 1.85 16.21 -0.85
CA SER A 14 2.70 15.04 -0.53
C SER A 14 4.16 15.47 -0.54
N MET A 15 5.04 14.59 -0.09
CA MET A 15 6.50 14.86 -0.14
C MET A 15 6.93 15.02 -1.60
N ALA A 16 7.98 15.82 -1.84
CA ALA A 16 8.44 16.19 -3.21
C ALA A 16 8.80 14.93 -4.00
N LYS A 17 9.33 13.91 -3.32
CA LYS A 17 9.73 12.63 -3.97
C LYS A 17 8.53 12.04 -4.69
N LYS A 18 7.32 12.20 -4.12
CA LYS A 18 6.05 11.72 -4.71
C LYS A 18 5.50 12.76 -5.70
N SER A 19 5.46 14.05 -5.32
CA SER A 19 4.85 15.15 -6.11
C SER A 19 5.60 15.36 -7.43
N LYS A 20 6.91 15.10 -7.43
CA LYS A 20 7.79 15.31 -8.62
C LYS A 20 8.13 13.97 -9.27
N SER A 21 7.50 12.87 -8.86
CA SER A 21 7.70 11.56 -9.53
C SER A 21 7.21 11.65 -10.98
N LYS A 22 7.75 10.79 -11.86
CA LYS A 22 7.34 10.68 -13.27
C LYS A 22 5.82 10.42 -13.36
N PRO A 23 5.28 9.39 -12.67
CA PRO A 23 3.85 9.12 -12.77
C PRO A 23 2.99 10.32 -12.34
N MET A 24 3.34 10.94 -11.22
CA MET A 24 2.60 12.14 -10.76
C MET A 24 2.64 13.22 -11.85
N LYS A 25 3.80 13.51 -12.43
CA LYS A 25 3.90 14.61 -13.42
C LYS A 25 3.04 14.27 -14.64
N GLU A 26 3.10 13.00 -15.09
CA GLU A 26 2.36 12.52 -16.28
C GLU A 26 0.85 12.69 -16.04
N ILE A 27 0.37 12.34 -14.83
CA ILE A 27 -1.07 12.36 -14.51
C ILE A 27 -1.55 13.80 -14.28
N LEU A 28 -0.79 14.64 -13.58
CA LEU A 28 -1.19 16.06 -13.34
C LEU A 28 -1.29 16.84 -14.67
N GLU A 29 -0.39 16.57 -15.62
CA GLU A 29 -0.41 17.20 -16.96
C GLU A 29 -1.75 16.89 -17.66
N ARG A 30 -2.22 15.64 -17.53
CA ARG A 30 -3.49 15.18 -18.13
C ARG A 30 -4.69 15.72 -17.36
N ILE A 31 -4.63 15.79 -16.03
CA ILE A 31 -5.77 16.34 -15.24
C ILE A 31 -5.93 17.81 -15.64
N SER A 32 -4.83 18.54 -15.85
CA SER A 32 -4.84 19.97 -16.25
C SER A 32 -5.53 20.18 -17.61
N LEU A 33 -5.66 19.13 -18.44
CA LEU A 33 -6.36 19.22 -19.75
C LEU A 33 -7.87 19.42 -19.53
N PHE A 34 -8.42 19.10 -18.35
CA PHE A 34 -9.82 19.43 -18.00
C PHE A 34 -9.97 20.95 -18.01
N LYS A 35 -10.97 21.44 -18.75
CA LYS A 35 -11.22 22.87 -19.02
C LYS A 35 -11.43 23.63 -17.71
N TYR A 36 -12.16 23.07 -16.75
CA TYR A 36 -12.57 23.80 -15.52
C TYR A 36 -11.70 23.43 -14.31
N ILE A 37 -10.61 22.70 -14.53
CA ILE A 37 -9.70 22.25 -13.42
C ILE A 37 -8.34 22.91 -13.58
N THR A 38 -7.87 23.49 -12.47
CA THR A 38 -6.47 23.93 -12.27
C THR A 38 -5.86 23.12 -11.14
N VAL A 39 -4.60 22.73 -11.33
CA VAL A 39 -3.84 21.88 -10.37
C VAL A 39 -2.86 22.79 -9.63
N VAL A 40 -2.84 22.69 -8.31
CA VAL A 40 -1.84 23.37 -7.45
C VAL A 40 -1.08 22.28 -6.69
N VAL A 41 0.22 22.17 -6.90
CA VAL A 41 1.10 21.21 -6.19
C VAL A 41 1.74 21.96 -5.03
N PHE A 42 1.45 21.57 -3.78
CA PHE A 42 1.94 22.24 -2.56
C PHE A 42 3.45 21.98 -2.44
N GLU A 43 4.24 23.04 -2.29
CA GLU A 43 5.74 22.92 -2.17
C GLU A 43 6.07 22.15 -0.90
N GLU A 44 7.07 21.27 -0.95
CA GLU A 44 7.46 20.48 0.25
C GLU A 44 7.86 21.44 1.39
N GLU A 45 8.55 22.54 1.08
CA GLU A 45 9.01 23.52 2.10
C GLU A 45 7.79 24.08 2.83
N VAL A 46 6.71 24.35 2.10
CA VAL A 46 5.45 24.90 2.69
C VAL A 46 4.81 23.81 3.57
N ILE A 47 4.74 22.59 3.08
CA ILE A 47 4.13 21.46 3.85
C ILE A 47 4.85 21.29 5.18
N LEU A 48 6.18 21.31 5.17
CA LEU A 48 7.01 21.01 6.36
C LEU A 48 7.08 22.22 7.30
N ASN A 49 7.26 23.43 6.77
CA ASN A 49 7.71 24.62 7.56
C ASN A 49 6.62 25.68 7.72
N GLU A 50 5.57 25.70 6.89
CA GLU A 50 4.48 26.71 7.05
C GLU A 50 3.34 26.11 7.85
N PRO A 51 2.69 26.89 8.72
CA PRO A 51 1.44 26.47 9.35
C PRO A 51 0.35 26.31 8.29
N VAL A 52 -0.58 25.40 8.54
CA VAL A 52 -1.63 24.99 7.57
C VAL A 52 -2.45 26.22 7.15
N GLU A 53 -2.56 27.26 7.99
CA GLU A 53 -3.37 28.46 7.67
C GLU A 53 -2.76 29.22 6.48
N ASN A 54 -1.50 28.96 6.13
CA ASN A 54 -0.78 29.62 5.01
C ASN A 54 -0.70 28.72 3.76
N TRP A 55 -1.08 27.45 3.87
CA TRP A 55 -1.15 26.52 2.71
C TRP A 55 -2.14 27.04 1.68
N PRO A 56 -1.94 26.73 0.39
CA PRO A 56 -2.85 27.13 -0.67
C PRO A 56 -4.25 26.55 -0.48
N LEU A 57 -5.26 27.28 -0.92
CA LEU A 57 -6.66 26.78 -0.99
C LEU A 57 -6.76 25.75 -2.13
N CYS A 58 -7.64 24.77 -1.95
CA CYS A 58 -8.12 23.90 -3.03
C CYS A 58 -9.56 23.50 -2.74
N ASP A 59 -10.27 23.10 -3.77
CA ASP A 59 -11.66 22.59 -3.69
C ASP A 59 -11.61 21.07 -3.50
N CYS A 60 -10.57 20.43 -4.04
CA CYS A 60 -10.38 18.97 -4.01
C CYS A 60 -8.93 18.70 -3.59
N LEU A 61 -8.74 17.88 -2.56
CA LEU A 61 -7.41 17.59 -1.98
C LEU A 61 -7.04 16.14 -2.25
N ILE A 62 -5.93 15.96 -2.96
CA ILE A 62 -5.21 14.67 -3.15
C ILE A 62 -3.96 14.75 -2.28
N SER A 63 -3.97 14.03 -1.16
CA SER A 63 -2.92 14.12 -0.11
C SER A 63 -2.68 12.74 0.45
N PHE A 64 -1.43 12.35 0.64
CA PHE A 64 -1.11 10.99 1.11
C PHE A 64 0.22 11.00 1.85
N HIS A 65 0.28 10.16 2.88
CA HIS A 65 1.47 9.97 3.74
C HIS A 65 2.51 9.11 2.99
N SER A 66 3.76 9.50 3.11
CA SER A 66 4.96 8.66 2.87
C SER A 66 5.99 9.08 3.91
N LYS A 67 7.14 8.40 3.98
CA LYS A 67 8.19 8.69 4.98
C LYS A 67 8.44 10.21 5.05
N GLY A 68 8.33 10.81 6.23
CA GLY A 68 8.68 12.22 6.48
C GLY A 68 7.48 13.15 6.36
N PHE A 69 6.35 12.67 5.87
CA PHE A 69 5.13 13.50 5.68
C PHE A 69 4.44 13.80 7.00
N PRO A 70 4.15 15.09 7.32
CA PRO A 70 3.35 15.47 8.49
C PRO A 70 1.83 15.27 8.34
N LEU A 71 1.34 14.05 8.58
CA LEU A 71 -0.08 13.70 8.37
C LEU A 71 -0.97 14.53 9.30
N ASP A 72 -0.51 14.80 10.53
CA ASP A 72 -1.23 15.67 11.50
C ASP A 72 -1.58 17.00 10.82
N LYS A 73 -0.62 17.61 10.13
CA LYS A 73 -0.85 18.92 9.44
C LYS A 73 -1.88 18.74 8.31
N ALA A 74 -1.77 17.69 7.50
CA ALA A 74 -2.69 17.46 6.37
C ALA A 74 -4.11 17.33 6.93
N VAL A 75 -4.25 16.61 8.04
CA VAL A 75 -5.58 16.43 8.72
C VAL A 75 -6.12 17.79 9.18
N ALA A 76 -5.30 18.62 9.82
CA ALA A 76 -5.67 19.97 10.33
C ALA A 76 -6.06 20.87 9.16
N TYR A 77 -5.33 20.77 8.04
CA TYR A 77 -5.66 21.54 6.82
C TYR A 77 -7.06 21.16 6.33
N ALA A 78 -7.34 19.87 6.17
CA ALA A 78 -8.66 19.37 5.69
C ALA A 78 -9.75 19.81 6.65
N LYS A 79 -9.51 19.77 7.96
CA LYS A 79 -10.50 20.24 8.95
C LYS A 79 -10.76 21.73 8.73
N LEU A 80 -9.69 22.52 8.52
CA LEU A 80 -9.76 24.01 8.37
C LEU A 80 -10.53 24.39 7.10
N ARG A 81 -10.22 23.76 5.96
CA ARG A 81 -10.68 24.22 4.63
C ARG A 81 -11.83 23.36 4.09
N ASN A 82 -12.07 22.17 4.66
CA ASN A 82 -13.19 21.24 4.27
C ASN A 82 -13.21 20.99 2.75
N PRO A 83 -12.07 20.67 2.09
CA PRO A 83 -12.14 20.30 0.67
C PRO A 83 -12.76 18.90 0.51
N PHE A 84 -13.15 18.58 -0.72
CA PHE A 84 -13.48 17.20 -1.16
C PHE A 84 -12.18 16.39 -1.15
N VAL A 85 -12.08 15.35 -0.31
CA VAL A 85 -10.83 14.56 -0.10
C VAL A 85 -10.93 13.25 -0.89
N ILE A 86 -9.99 13.00 -1.78
CA ILE A 86 -9.96 11.81 -2.69
C ILE A 86 -9.51 10.58 -1.89
N ASN A 87 -8.46 10.75 -1.08
CA ASN A 87 -7.85 9.70 -0.23
C ASN A 87 -8.00 10.14 1.22
N ASP A 88 -8.90 9.50 1.97
CA ASP A 88 -9.20 9.87 3.38
C ASP A 88 -7.90 9.94 4.19
N LEU A 89 -7.68 11.01 4.96
CA LEU A 89 -6.40 11.23 5.67
C LEU A 89 -6.34 10.42 6.99
N ASN A 90 -7.43 10.36 7.74
CA ASN A 90 -7.44 9.64 9.05
C ASN A 90 -7.13 8.15 8.83
N MET A 91 -7.63 7.57 7.74
CA MET A 91 -7.39 6.14 7.42
C MET A 91 -5.89 5.89 7.17
N GLN A 92 -5.12 6.93 6.81
CA GLN A 92 -3.67 6.79 6.51
C GLN A 92 -2.87 6.56 7.80
N TYR A 93 -3.41 6.88 8.97
CA TYR A 93 -2.82 6.43 10.26
C TYR A 93 -2.93 4.91 10.38
N LEU A 94 -4.09 4.34 10.05
CA LEU A 94 -4.36 2.89 10.23
C LEU A 94 -3.53 2.11 9.22
N ILE A 95 -3.39 2.64 8.00
CA ILE A 95 -2.63 1.96 6.92
C ILE A 95 -1.16 1.79 7.34
N GLN A 96 -0.67 2.59 8.28
CA GLN A 96 0.74 2.47 8.76
C GLN A 96 0.89 1.26 9.69
N ASP A 97 -0.20 0.63 10.13
CA ASP A 97 -0.18 -0.45 11.15
C ASP A 97 -0.79 -1.70 10.55
N ARG A 98 0.01 -2.75 10.36
CA ARG A 98 -0.46 -4.01 9.69
C ARG A 98 -1.60 -4.64 10.51
N ARG A 99 -1.60 -4.47 11.83
CA ARG A 99 -2.67 -5.04 12.69
C ARG A 99 -4.01 -4.38 12.34
N GLU A 100 -4.02 -3.07 12.10
CA GLU A 100 -5.25 -2.31 11.73
C GLU A 100 -5.67 -2.68 10.30
N VAL A 101 -4.71 -2.84 9.38
CA VAL A 101 -5.01 -3.23 7.97
C VAL A 101 -5.76 -4.57 8.01
N TYR A 102 -5.20 -5.58 8.68
CA TYR A 102 -5.72 -6.96 8.69
C TYR A 102 -7.12 -6.99 9.33
N SER A 103 -7.33 -6.18 10.37
CA SER A 103 -8.64 -6.09 11.08
C SER A 103 -9.71 -5.56 10.12
N ILE A 104 -9.38 -4.55 9.32
CA ILE A 104 -10.33 -4.00 8.31
C ILE A 104 -10.63 -5.07 7.27
N LEU A 105 -9.60 -5.73 6.72
CA LEU A 105 -9.80 -6.77 5.68
C LEU A 105 -10.76 -7.86 6.21
N GLN A 106 -10.53 -8.32 7.43
CA GLN A 106 -11.38 -9.37 8.06
C GLN A 106 -12.84 -8.91 8.12
N ALA A 107 -13.10 -7.70 8.63
CA ALA A 107 -14.46 -7.09 8.73
C ALA A 107 -15.16 -7.06 7.36
N GLU A 108 -14.41 -6.99 6.26
CA GLU A 108 -14.95 -6.88 4.87
C GLU A 108 -15.10 -8.26 4.23
N GLY A 109 -14.86 -9.34 4.97
CA GLY A 109 -14.98 -10.70 4.42
C GLY A 109 -13.98 -10.91 3.29
N ILE A 110 -12.82 -10.27 3.36
CA ILE A 110 -11.72 -10.44 2.35
C ILE A 110 -10.78 -11.56 2.82
N LEU A 111 -10.53 -12.55 1.95
CA LEU A 111 -9.65 -13.69 2.26
C LEU A 111 -8.25 -13.13 2.54
N LEU A 112 -7.67 -13.48 3.69
CA LEU A 112 -6.25 -13.14 3.96
C LEU A 112 -5.60 -14.34 4.65
N PRO A 113 -4.25 -14.41 4.69
CA PRO A 113 -3.60 -15.55 5.32
C PRO A 113 -4.10 -15.65 6.78
N ARG A 114 -4.26 -16.86 7.28
CA ARG A 114 -4.41 -17.11 8.74
C ARG A 114 -3.24 -16.41 9.44
N TYR A 115 -3.51 -15.63 10.48
CA TYR A 115 -2.44 -14.87 11.17
C TYR A 115 -2.72 -14.72 12.67
N ALA A 116 -1.68 -14.34 13.39
CA ALA A 116 -1.72 -14.05 14.84
C ALA A 116 -0.74 -12.91 15.15
N ILE A 117 -1.11 -12.04 16.06
CA ILE A 117 -0.32 -10.84 16.44
C ILE A 117 0.48 -11.18 17.70
N LEU A 118 1.78 -10.92 17.67
CA LEU A 118 2.61 -10.99 18.89
C LEU A 118 3.04 -9.57 19.27
N ASN A 119 2.40 -9.01 20.27
CA ASN A 119 2.71 -7.66 20.82
C ASN A 119 3.68 -7.83 22.00
N ARG A 120 4.83 -7.18 21.92
CA ARG A 120 5.81 -7.07 23.04
C ARG A 120 5.73 -5.64 23.56
N ASP A 121 5.26 -5.47 24.79
CA ASP A 121 5.29 -4.18 25.52
C ASP A 121 6.69 -4.03 26.09
N PRO A 122 7.48 -3.01 25.67
CA PRO A 122 8.81 -2.79 26.23
C PRO A 122 8.78 -2.28 27.67
N ASN A 123 7.63 -1.71 28.10
CA ASN A 123 7.36 -1.28 29.51
C ASN A 123 6.88 -2.49 30.33
N ASN A 124 6.13 -3.41 29.72
CA ASN A 124 5.63 -4.66 30.35
C ASN A 124 6.25 -5.87 29.64
N PRO A 125 7.59 -6.04 29.60
CA PRO A 125 8.21 -7.29 29.17
C PRO A 125 8.51 -8.18 30.37
N LYS A 126 7.47 -8.68 31.05
CA LYS A 126 7.58 -9.83 32.00
C LYS A 126 7.92 -11.07 31.15
N GLU A 127 7.24 -11.21 30.01
CA GLU A 127 7.67 -12.00 28.81
C GLU A 127 6.52 -12.09 27.80
N CYS A 128 6.83 -12.62 26.62
CA CYS A 128 5.94 -12.71 25.43
C CYS A 128 4.97 -13.89 25.58
N ASN A 129 4.06 -14.02 24.61
CA ASN A 129 3.08 -15.13 24.49
C ASN A 129 3.54 -16.05 23.34
N LEU A 130 4.85 -16.26 23.22
CA LEU A 130 5.47 -16.99 22.07
C LEU A 130 6.20 -18.23 22.58
N ILE A 131 5.87 -19.37 22.00
CA ILE A 131 6.64 -20.64 22.17
C ILE A 131 7.21 -21.03 20.81
N GLU A 132 8.51 -21.32 20.76
CA GLU A 132 9.22 -21.70 19.52
C GLU A 132 9.64 -23.17 19.59
N GLY A 133 9.34 -23.93 18.54
CA GLY A 133 9.97 -25.23 18.27
C GLY A 133 10.91 -25.12 17.08
N GLU A 134 11.60 -26.21 16.74
CA GLU A 134 12.46 -26.33 15.52
C GLU A 134 11.69 -25.90 14.27
N ASP A 135 10.46 -26.40 14.12
CA ASP A 135 9.68 -26.36 12.85
C ASP A 135 8.32 -25.68 13.02
N HIS A 136 8.08 -24.97 14.12
CA HIS A 136 6.83 -24.21 14.33
C HIS A 136 7.02 -23.14 15.41
N VAL A 137 6.08 -22.19 15.44
CA VAL A 137 5.87 -21.27 16.58
C VAL A 137 4.42 -21.41 17.06
N GLU A 138 4.19 -21.08 18.32
CA GLU A 138 2.85 -20.95 18.90
C GLU A 138 2.71 -19.52 19.38
N VAL A 139 1.78 -18.77 18.82
CA VAL A 139 1.55 -17.34 19.14
C VAL A 139 0.18 -17.27 19.82
N ASN A 140 0.14 -16.93 21.12
CA ASN A 140 -1.10 -16.94 21.96
C ASN A 140 -1.85 -18.26 21.74
N GLY A 141 -1.13 -19.37 21.69
CA GLY A 141 -1.69 -20.72 21.58
C GLY A 141 -1.87 -21.18 20.14
N GLU A 142 -1.78 -20.29 19.15
CA GLU A 142 -2.05 -20.69 17.74
C GLU A 142 -0.76 -21.15 17.08
N VAL A 143 -0.81 -22.32 16.42
CA VAL A 143 0.35 -23.05 15.86
C VAL A 143 0.54 -22.60 14.41
N PHE A 144 1.77 -22.18 14.08
CA PHE A 144 2.23 -21.94 12.70
C PHE A 144 3.37 -22.92 12.43
N GLN A 145 3.10 -23.95 11.64
CA GLN A 145 4.14 -24.85 11.06
C GLN A 145 4.94 -24.05 10.02
N LYS A 146 6.26 -24.24 9.99
CA LYS A 146 7.11 -23.72 8.91
C LYS A 146 6.71 -24.43 7.62
N PRO A 147 6.65 -23.72 6.46
CA PRO A 147 7.03 -22.31 6.38
C PRO A 147 5.95 -21.35 6.91
N PHE A 148 6.40 -20.28 7.57
CA PHE A 148 5.51 -19.17 8.00
C PHE A 148 6.25 -17.86 7.78
N VAL A 149 5.48 -16.77 7.81
CA VAL A 149 5.95 -15.38 7.53
C VAL A 149 5.87 -14.58 8.82
N GLU A 150 6.86 -13.71 9.04
CA GLU A 150 6.97 -12.83 10.22
C GLU A 150 7.10 -11.39 9.72
N LYS A 151 6.08 -10.57 10.00
CA LYS A 151 6.04 -9.17 9.50
C LYS A 151 6.10 -8.24 10.70
N PRO A 152 6.96 -7.20 10.66
CA PRO A 152 6.86 -6.12 11.63
C PRO A 152 5.44 -5.53 11.61
N VAL A 153 4.90 -5.16 12.78
CA VAL A 153 3.55 -4.53 12.85
C VAL A 153 3.56 -3.19 12.09
N SER A 154 4.69 -2.50 12.04
CA SER A 154 4.83 -1.24 11.26
C SER A 154 4.81 -1.59 9.76
N ALA A 155 3.82 -1.10 9.02
CA ALA A 155 3.69 -1.34 7.56
C ALA A 155 4.82 -0.64 6.79
N GLU A 156 5.48 0.36 7.38
CA GLU A 156 6.64 1.07 6.78
C GLU A 156 7.93 0.25 6.90
N ASP A 157 7.96 -0.77 7.76
CA ASP A 157 9.16 -1.62 8.01
C ASP A 157 9.02 -2.86 7.11
N HIS A 158 9.84 -2.94 6.05
CA HIS A 158 9.76 -3.98 4.98
C HIS A 158 10.68 -5.18 5.32
N ASN A 159 11.19 -5.28 6.55
CA ASN A 159 12.05 -6.40 7.00
C ASN A 159 11.15 -7.57 7.37
N VAL A 160 10.54 -8.19 6.35
CA VAL A 160 9.63 -9.35 6.47
C VAL A 160 10.52 -10.59 6.35
N TYR A 161 10.42 -11.54 7.28
CA TYR A 161 11.21 -12.80 7.29
C TYR A 161 10.28 -13.98 6.99
N ILE A 162 10.79 -14.93 6.19
CA ILE A 162 10.15 -16.25 5.94
C ILE A 162 11.04 -17.33 6.59
N TYR A 163 10.46 -18.24 7.35
CA TYR A 163 11.20 -19.31 8.08
C TYR A 163 10.92 -20.65 7.42
N TYR A 164 11.97 -21.32 6.94
CA TYR A 164 11.85 -22.58 6.17
C TYR A 164 11.86 -23.79 7.11
N PRO A 165 11.08 -24.84 6.77
CA PRO A 165 11.08 -26.07 7.55
C PRO A 165 12.42 -26.83 7.45
N THR A 166 12.70 -27.69 8.42
CA THR A 166 13.87 -28.60 8.38
C THR A 166 13.85 -29.38 7.06
N SER A 167 12.68 -29.85 6.60
CA SER A 167 12.54 -30.63 5.35
C SER A 167 13.13 -29.89 4.14
N ALA A 168 13.17 -28.55 4.17
CA ALA A 168 13.66 -27.70 3.06
C ALA A 168 15.03 -27.09 3.38
N GLY A 169 15.70 -27.51 4.45
CA GLY A 169 17.05 -27.03 4.80
C GLY A 169 17.08 -25.98 5.91
N GLY A 170 15.93 -25.60 6.49
CA GLY A 170 15.92 -24.65 7.60
C GLY A 170 16.41 -23.27 7.17
N GLY A 171 16.74 -22.43 8.14
CA GLY A 171 17.14 -21.04 7.92
C GLY A 171 15.95 -20.16 7.59
N SER A 172 16.20 -19.00 6.98
CA SER A 172 15.18 -17.95 6.76
C SER A 172 15.52 -17.15 5.51
N GLN A 173 14.50 -16.55 4.90
CA GLN A 173 14.68 -15.55 3.83
C GLN A 173 14.34 -14.20 4.45
N ARG A 174 15.27 -13.25 4.37
CA ARG A 174 15.10 -11.88 4.91
C ARG A 174 14.83 -10.95 3.73
N LEU A 175 13.60 -10.46 3.64
CA LEU A 175 13.17 -9.47 2.63
C LEU A 175 13.50 -8.07 3.13
N PHE A 176 13.66 -7.15 2.19
CA PHE A 176 13.94 -5.72 2.51
C PHE A 176 13.53 -4.88 1.31
N ARG A 177 13.40 -3.58 1.51
CA ARG A 177 13.17 -2.62 0.42
C ARG A 177 14.34 -2.82 -0.55
N LYS A 178 14.02 -3.05 -1.84
CA LYS A 178 15.02 -3.30 -2.92
C LYS A 178 16.28 -2.44 -2.71
N ILE A 179 17.44 -3.07 -2.74
CA ILE A 179 18.79 -2.43 -2.86
C ILE A 179 19.37 -2.94 -4.18
N GLY A 180 19.23 -2.15 -5.25
CA GLY A 180 19.77 -2.44 -6.60
C GLY A 180 19.31 -3.78 -7.12
N SER A 181 20.18 -4.80 -7.10
CA SER A 181 19.91 -6.11 -7.75
C SER A 181 19.12 -7.05 -6.82
N ARG A 182 18.84 -6.69 -5.56
CA ARG A 182 18.30 -7.67 -4.55
C ARG A 182 17.13 -7.12 -3.73
N SER A 183 16.20 -8.02 -3.41
CA SER A 183 14.98 -7.78 -2.61
C SER A 183 14.95 -8.69 -1.37
N SER A 184 15.79 -9.72 -1.33
CA SER A 184 15.89 -10.65 -0.18
C SER A 184 17.26 -11.36 -0.17
N VAL A 185 17.60 -11.96 0.96
CA VAL A 185 18.81 -12.82 1.10
C VAL A 185 18.48 -13.98 2.05
N TYR A 186 19.04 -15.15 1.78
CA TYR A 186 18.99 -16.30 2.69
C TYR A 186 19.83 -16.00 3.95
N SER A 187 19.34 -16.40 5.13
CA SER A 187 20.10 -16.46 6.38
C SER A 187 20.01 -17.88 6.93
N PRO A 188 21.13 -18.44 7.45
CA PRO A 188 21.07 -19.73 8.15
C PRO A 188 20.30 -19.66 9.48
N GLU A 189 19.96 -18.48 9.99
CA GLU A 189 19.21 -18.31 11.28
C GLU A 189 17.81 -18.94 11.14
N SER A 190 17.45 -19.83 12.08
CA SER A 190 16.16 -20.57 12.09
C SER A 190 15.25 -20.07 13.21
N ASN A 191 15.79 -19.35 14.19
CA ASN A 191 15.06 -18.82 15.38
C ASN A 191 14.42 -17.47 15.00
N VAL A 192 13.16 -17.26 15.39
CA VAL A 192 12.42 -15.99 15.10
C VAL A 192 13.10 -14.82 15.82
N ARG A 193 12.72 -13.59 15.48
CA ARG A 193 13.27 -12.38 16.11
C ARG A 193 12.73 -12.29 17.53
N LYS A 194 13.56 -11.86 18.48
CA LYS A 194 13.20 -11.91 19.93
C LYS A 194 12.85 -10.52 20.47
N THR A 195 13.06 -9.44 19.70
CA THR A 195 12.58 -8.09 20.09
C THR A 195 11.67 -7.52 18.99
N GLY A 196 10.69 -6.71 19.40
CA GLY A 196 9.67 -6.12 18.51
C GLY A 196 8.35 -6.84 18.56
N SER A 197 7.33 -6.24 17.96
CA SER A 197 5.99 -6.83 17.73
C SER A 197 5.88 -7.25 16.27
N TYR A 198 5.33 -8.43 16.04
CA TYR A 198 5.21 -9.09 14.71
C TYR A 198 3.83 -9.70 14.54
N ILE A 199 3.40 -9.75 13.29
CA ILE A 199 2.34 -10.66 12.78
C ILE A 199 2.99 -11.91 12.23
N TYR A 200 2.55 -13.08 12.68
CA TYR A 200 2.92 -14.41 12.13
C TYR A 200 1.77 -14.82 11.23
N GLU A 201 2.07 -15.27 10.03
CA GLU A 201 0.99 -15.73 9.12
C GLU A 201 1.46 -16.96 8.34
N GLU A 202 0.48 -17.76 7.93
CA GLU A 202 0.71 -18.96 7.09
C GLU A 202 1.30 -18.48 5.76
N PHE A 203 2.28 -19.23 5.26
CA PHE A 203 2.90 -19.02 3.93
C PHE A 203 1.92 -19.54 2.88
N MET A 204 1.52 -18.66 1.96
CA MET A 204 0.61 -19.00 0.84
C MET A 204 1.47 -19.37 -0.36
N PRO A 205 1.35 -20.61 -0.88
CA PRO A 205 2.17 -21.05 -2.00
C PRO A 205 1.68 -20.50 -3.36
N THR A 206 2.44 -19.62 -3.98
CA THR A 206 2.11 -18.99 -5.29
C THR A 206 2.94 -19.66 -6.39
N ASP A 207 2.78 -19.24 -7.65
CA ASP A 207 3.61 -19.73 -8.78
C ASP A 207 4.98 -19.02 -8.81
N GLY A 208 5.33 -18.26 -7.77
CA GLY A 208 6.60 -17.50 -7.67
C GLY A 208 6.45 -16.02 -7.98
N THR A 209 5.23 -15.56 -8.25
CA THR A 209 4.91 -14.13 -8.51
C THR A 209 3.91 -13.61 -7.48
N ASP A 210 3.98 -12.30 -7.24
CA ASP A 210 3.00 -11.48 -6.50
C ASP A 210 2.19 -10.71 -7.53
N VAL A 211 0.91 -10.48 -7.28
CA VAL A 211 0.06 -9.58 -8.10
C VAL A 211 -0.06 -8.26 -7.35
N LYS A 212 0.33 -7.17 -8.00
CA LYS A 212 0.17 -5.79 -7.52
C LYS A 212 -1.07 -5.18 -8.18
N VAL A 213 -1.98 -4.71 -7.35
CA VAL A 213 -3.27 -4.10 -7.79
C VAL A 213 -3.24 -2.60 -7.46
N TYR A 214 -3.71 -1.80 -8.42
CA TYR A 214 -3.72 -0.33 -8.36
C TYR A 214 -5.13 0.15 -8.75
N THR A 215 -5.86 0.69 -7.78
CA THR A 215 -7.25 1.16 -7.99
C THR A 215 -7.23 2.66 -8.34
N VAL A 216 -8.20 3.07 -9.13
CA VAL A 216 -8.58 4.50 -9.28
C VAL A 216 -10.08 4.56 -9.12
N GLY A 217 -10.51 4.68 -7.87
CA GLY A 217 -11.92 4.49 -7.52
C GLY A 217 -12.22 3.00 -7.54
N PRO A 218 -13.40 2.60 -7.05
CA PRO A 218 -13.67 1.18 -6.79
C PRO A 218 -14.00 0.35 -8.04
N ASP A 219 -14.17 0.99 -9.19
CA ASP A 219 -14.58 0.36 -10.46
C ASP A 219 -13.45 0.34 -11.50
N TYR A 220 -12.21 0.67 -11.11
CA TYR A 220 -11.04 0.62 -11.99
C TYR A 220 -9.86 0.06 -11.19
N ALA A 221 -9.24 -1.00 -11.70
CA ALA A 221 -8.11 -1.65 -11.03
C ALA A 221 -7.18 -2.17 -12.11
N HIS A 222 -5.97 -1.64 -12.20
CA HIS A 222 -4.87 -2.21 -13.01
C HIS A 222 -4.11 -3.22 -12.15
N ALA A 223 -3.81 -4.39 -12.70
CA ALA A 223 -2.98 -5.40 -12.01
C ALA A 223 -1.76 -5.73 -12.86
N GLU A 224 -0.67 -6.12 -12.21
CA GLU A 224 0.56 -6.61 -12.85
C GLU A 224 1.24 -7.57 -11.87
N ALA A 225 2.09 -8.45 -12.35
CA ALA A 225 2.76 -9.44 -11.48
C ALA A 225 4.26 -9.16 -11.50
N ARG A 226 4.95 -9.48 -10.41
CA ARG A 226 6.42 -9.42 -10.32
C ARG A 226 6.92 -10.67 -9.63
N LYS A 227 8.20 -11.00 -9.84
CA LYS A 227 8.84 -12.14 -9.16
C LYS A 227 8.73 -11.90 -7.66
N SER A 228 8.31 -12.91 -6.90
CA SER A 228 8.24 -12.80 -5.42
C SER A 228 9.65 -12.61 -4.86
N PRO A 229 9.88 -11.65 -3.94
CA PRO A 229 11.13 -11.59 -3.18
C PRO A 229 11.34 -12.82 -2.28
N ALA A 230 10.27 -13.57 -1.98
CA ALA A 230 10.28 -14.84 -1.20
C ALA A 230 11.11 -15.91 -1.91
N LEU A 231 11.24 -15.85 -3.24
CA LEU A 231 12.16 -16.69 -4.04
C LEU A 231 13.60 -16.31 -3.63
N ASP A 232 14.54 -16.24 -4.56
CA ASP A 232 15.99 -16.16 -4.25
C ASP A 232 16.40 -14.73 -3.90
N GLY A 233 15.61 -13.72 -4.29
CA GLY A 233 15.90 -12.32 -3.91
C GLY A 233 16.60 -11.54 -5.00
N LYS A 234 16.92 -12.15 -6.15
CA LYS A 234 17.51 -11.42 -7.30
C LYS A 234 16.39 -10.70 -8.06
N VAL A 235 16.49 -9.39 -8.21
CA VAL A 235 15.48 -8.54 -8.93
C VAL A 235 15.72 -8.71 -10.44
N GLU A 236 14.68 -9.00 -11.20
CA GLU A 236 14.73 -9.06 -12.69
C GLU A 236 14.56 -7.64 -13.22
N ARG A 237 15.54 -7.11 -13.96
CA ARG A 237 15.51 -5.73 -14.51
C ARG A 237 15.63 -5.80 -16.04
N ASP A 238 14.92 -4.92 -16.75
CA ASP A 238 14.88 -4.87 -18.24
C ASP A 238 16.08 -4.06 -18.74
N SER A 239 16.20 -3.90 -20.07
CA SER A 239 17.25 -3.10 -20.77
C SER A 239 17.39 -1.71 -20.14
N GLU A 240 16.27 -1.09 -19.76
CA GLU A 240 16.22 0.28 -19.17
C GLU A 240 16.43 0.24 -17.65
N GLY A 241 16.65 -0.94 -17.06
CA GLY A 241 16.90 -1.10 -15.61
C GLY A 241 15.65 -0.95 -14.78
N LYS A 242 14.46 -1.14 -15.38
CA LYS A 242 13.17 -1.16 -14.62
C LYS A 242 12.85 -2.62 -14.27
N GLU A 243 12.23 -2.83 -13.11
CA GLU A 243 11.82 -4.19 -12.66
C GLU A 243 10.88 -4.80 -13.70
N VAL A 244 11.11 -6.05 -14.07
CA VAL A 244 10.24 -6.80 -15.02
C VAL A 244 8.86 -6.99 -14.37
N ARG A 245 7.81 -6.66 -15.12
CA ARG A 245 6.39 -6.80 -14.74
C ARG A 245 5.75 -7.77 -15.74
N TYR A 246 4.82 -8.60 -15.27
CA TYR A 246 4.12 -9.62 -16.09
C TYR A 246 2.65 -9.22 -16.17
N PRO A 247 2.01 -9.44 -17.34
CA PRO A 247 0.61 -9.05 -17.52
C PRO A 247 -0.30 -9.84 -16.58
N VAL A 248 -1.33 -9.16 -16.09
CA VAL A 248 -2.39 -9.78 -15.27
C VAL A 248 -3.74 -9.21 -15.71
N ILE A 249 -4.76 -10.07 -15.75
CA ILE A 249 -6.18 -9.65 -15.81
C ILE A 249 -6.87 -10.19 -14.57
N LEU A 250 -7.49 -9.33 -13.79
CA LEU A 250 -8.19 -9.78 -12.56
C LEU A 250 -9.46 -10.54 -12.96
N ASN A 251 -9.79 -11.64 -12.27
CA ASN A 251 -11.07 -12.36 -12.41
C ASN A 251 -12.15 -11.57 -11.64
N ALA A 252 -13.39 -12.04 -11.70
CA ALA A 252 -14.57 -11.34 -11.12
C ALA A 252 -14.37 -11.22 -9.60
N ARG A 253 -13.91 -12.29 -8.96
CA ARG A 253 -13.64 -12.31 -7.50
C ARG A 253 -12.64 -11.22 -7.16
N GLU A 254 -11.56 -11.10 -7.95
CA GLU A 254 -10.45 -10.14 -7.67
C GLU A 254 -10.92 -8.70 -7.91
N LYS A 255 -11.78 -8.47 -8.90
CA LYS A 255 -12.32 -7.11 -9.16
C LYS A 255 -13.15 -6.70 -7.95
N LEU A 256 -13.90 -7.63 -7.36
CA LEU A 256 -14.69 -7.36 -6.13
C LEU A 256 -13.75 -7.04 -4.98
N ILE A 257 -12.63 -7.77 -4.85
CA ILE A 257 -11.64 -7.48 -3.77
C ILE A 257 -11.19 -6.03 -3.92
N ALA A 258 -10.88 -5.57 -5.14
CA ALA A 258 -10.34 -4.21 -5.39
C ALA A 258 -11.39 -3.16 -4.99
N TRP A 259 -12.64 -3.42 -5.38
CA TRP A 259 -13.82 -2.58 -5.01
C TRP A 259 -13.89 -2.44 -3.49
N LYS A 260 -13.79 -3.55 -2.76
CA LYS A 260 -13.88 -3.60 -1.28
C LYS A 260 -12.71 -2.86 -0.63
N VAL A 261 -11.48 -3.12 -1.09
CA VAL A 261 -10.26 -2.48 -0.50
C VAL A 261 -10.38 -0.97 -0.67
N CYS A 262 -10.67 -0.50 -1.88
CA CYS A 262 -10.77 0.95 -2.22
C CYS A 262 -11.77 1.62 -1.27
N LEU A 263 -12.98 1.06 -1.09
CA LEU A 263 -14.03 1.69 -0.27
C LEU A 263 -13.74 1.51 1.23
N ALA A 264 -13.26 0.34 1.66
CA ALA A 264 -13.06 0.03 3.09
C ALA A 264 -11.99 0.96 3.68
N PHE A 265 -10.95 1.26 2.90
CA PHE A 265 -9.82 2.12 3.33
C PHE A 265 -10.06 3.58 2.92
N LYS A 266 -11.11 3.85 2.15
CA LYS A 266 -11.49 5.21 1.68
C LYS A 266 -10.32 5.83 0.94
N GLN A 267 -9.60 5.02 0.17
CA GLN A 267 -8.46 5.46 -0.67
C GLN A 267 -8.87 5.29 -2.14
N THR A 268 -9.28 6.37 -2.81
CA THR A 268 -9.64 6.35 -4.25
C THR A 268 -8.48 5.71 -5.03
N VAL A 269 -7.27 6.22 -4.81
CA VAL A 269 -6.03 5.71 -5.45
C VAL A 269 -5.42 4.76 -4.42
N CYS A 270 -5.39 3.46 -4.68
CA CYS A 270 -4.96 2.49 -3.65
C CYS A 270 -4.20 1.32 -4.29
N GLY A 271 -2.98 1.09 -3.82
CA GLY A 271 -2.19 -0.11 -4.13
C GLY A 271 -2.39 -1.17 -3.07
N PHE A 272 -2.51 -2.43 -3.48
CA PHE A 272 -2.51 -3.57 -2.54
C PHE A 272 -1.95 -4.80 -3.27
N ASP A 273 -1.55 -5.80 -2.50
CA ASP A 273 -0.92 -7.03 -3.05
C ASP A 273 -1.86 -8.21 -2.88
N LEU A 274 -1.91 -9.05 -3.90
CA LEU A 274 -2.70 -10.32 -3.92
C LEU A 274 -1.73 -11.49 -4.06
N LEU A 275 -1.99 -12.57 -3.35
CA LEU A 275 -1.32 -13.87 -3.49
C LEU A 275 -2.34 -14.81 -4.12
N ARG A 276 -2.06 -15.26 -5.34
CA ARG A 276 -2.86 -16.28 -6.05
C ARG A 276 -2.33 -17.65 -5.61
N ALA A 277 -3.12 -18.33 -4.80
CA ALA A 277 -2.73 -19.56 -4.09
C ALA A 277 -3.97 -20.43 -3.85
N ASN A 278 -3.83 -21.74 -4.03
CA ASN A 278 -4.88 -22.74 -3.66
C ASN A 278 -6.20 -22.39 -4.34
N GLY A 279 -6.16 -21.90 -5.58
CA GLY A 279 -7.34 -21.54 -6.38
C GLY A 279 -8.10 -20.34 -5.84
N GLN A 280 -7.49 -19.54 -4.97
CA GLN A 280 -8.11 -18.31 -4.40
C GLN A 280 -7.08 -17.16 -4.45
N SER A 281 -7.52 -15.97 -4.08
CA SER A 281 -6.67 -14.76 -4.09
C SER A 281 -6.74 -14.13 -2.70
N TYR A 282 -5.59 -14.00 -2.03
CA TYR A 282 -5.48 -13.50 -0.65
C TYR A 282 -4.80 -12.14 -0.66
N VAL A 283 -5.36 -11.17 0.08
CA VAL A 283 -4.71 -9.84 0.26
C VAL A 283 -3.69 -9.97 1.39
N CYS A 284 -2.42 -9.62 1.13
CA CYS A 284 -1.37 -9.74 2.18
C CYS A 284 -0.80 -8.37 2.58
N ASP A 285 -1.25 -7.27 1.95
CA ASP A 285 -0.64 -5.92 2.11
C ASP A 285 -1.57 -4.87 1.48
N VAL A 286 -1.85 -3.78 2.18
CA VAL A 286 -2.54 -2.60 1.61
C VAL A 286 -1.63 -1.38 1.77
N ASN A 287 -1.21 -0.77 0.67
CA ASN A 287 -0.16 0.28 0.70
C ASN A 287 -0.76 1.68 0.65
N GLY A 288 -2.04 1.83 0.28
CA GLY A 288 -2.62 3.17 0.07
C GLY A 288 -2.15 3.78 -1.23
N PHE A 289 -2.03 5.10 -1.26
CA PHE A 289 -1.80 5.87 -2.51
C PHE A 289 -0.56 5.33 -3.25
N SER A 290 -0.78 4.92 -4.50
CA SER A 290 0.25 4.38 -5.39
C SER A 290 -0.26 4.41 -6.83
N PHE A 291 0.58 4.95 -7.72
CA PHE A 291 0.37 4.99 -9.18
C PHE A 291 1.11 3.81 -9.82
N VAL A 292 0.53 3.30 -10.92
CA VAL A 292 1.25 2.37 -11.83
C VAL A 292 2.42 3.18 -12.42
N LYS A 293 3.60 2.55 -12.53
CA LYS A 293 4.82 3.15 -13.13
C LYS A 293 4.93 2.67 -14.59
N ASN A 294 5.19 3.58 -15.52
CA ASN A 294 5.65 3.28 -16.90
C ASN A 294 4.52 2.63 -17.72
N SER A 295 3.27 2.99 -17.47
CA SER A 295 2.11 2.66 -18.34
C SER A 295 1.46 3.97 -18.77
N MET A 296 1.62 4.33 -20.05
CA MET A 296 0.95 5.50 -20.66
C MET A 296 -0.57 5.36 -20.58
N LYS A 297 -1.12 4.16 -20.82
CA LYS A 297 -2.58 3.95 -20.80
C LYS A 297 -3.09 4.20 -19.37
N TYR A 298 -2.38 3.74 -18.36
CA TYR A 298 -2.73 4.04 -16.94
C TYR A 298 -2.77 5.56 -16.71
N TYR A 299 -1.73 6.29 -17.12
CA TYR A 299 -1.69 7.77 -16.99
C TYR A 299 -2.99 8.38 -17.57
N ASP A 300 -3.35 7.96 -18.78
CA ASP A 300 -4.56 8.43 -19.49
C ASP A 300 -5.81 8.10 -18.67
N ASP A 301 -5.98 6.83 -18.29
CA ASP A 301 -7.18 6.33 -17.57
C ASP A 301 -7.26 6.99 -16.19
N CYS A 302 -6.17 7.01 -15.43
CA CYS A 302 -6.15 7.57 -14.05
C CYS A 302 -6.52 9.05 -14.08
N ALA A 303 -5.94 9.85 -14.97
CA ALA A 303 -6.24 11.29 -15.09
C ALA A 303 -7.73 11.52 -15.44
N LYS A 304 -8.24 10.76 -16.41
CA LYS A 304 -9.65 10.83 -16.86
C LYS A 304 -10.60 10.50 -15.70
N ILE A 305 -10.36 9.41 -14.97
CA ILE A 305 -11.24 8.99 -13.84
C ILE A 305 -11.18 10.06 -12.74
N LEU A 306 -9.98 10.53 -12.36
CA LEU A 306 -9.87 11.49 -11.23
C LEU A 306 -10.54 12.81 -11.63
N GLY A 307 -10.27 13.29 -12.82
CA GLY A 307 -10.92 14.50 -13.37
C GLY A 307 -12.44 14.34 -13.38
N ASN A 308 -12.95 13.20 -13.83
CA ASN A 308 -14.42 12.97 -13.87
C ASN A 308 -14.99 12.94 -12.43
N ILE A 309 -14.29 12.35 -11.48
CA ILE A 309 -14.72 12.30 -10.04
C ILE A 309 -14.85 13.73 -9.52
N VAL A 310 -13.84 14.55 -9.76
CA VAL A 310 -13.82 15.98 -9.34
C VAL A 310 -15.02 16.70 -9.95
N MET A 311 -15.23 16.56 -11.26
CA MET A 311 -16.33 17.25 -12.00
C MET A 311 -17.68 16.75 -11.47
N ARG A 312 -17.85 15.44 -11.32
CA ARG A 312 -19.15 14.89 -10.84
C ARG A 312 -19.44 15.50 -9.46
N GLU A 313 -18.44 15.57 -8.60
CA GLU A 313 -18.64 15.98 -7.19
C GLU A 313 -18.90 17.49 -7.11
N LEU A 314 -18.18 18.31 -7.86
CA LEU A 314 -18.12 19.78 -7.61
C LEU A 314 -18.74 20.61 -8.73
N ALA A 315 -19.00 20.06 -9.93
CA ALA A 315 -19.59 20.83 -11.05
C ALA A 315 -20.87 21.55 -10.58
N PRO A 316 -21.82 20.86 -9.91
CA PRO A 316 -23.07 21.51 -9.49
C PRO A 316 -22.84 22.82 -8.70
N GLN A 317 -22.07 22.80 -7.62
CA GLN A 317 -21.85 24.00 -6.77
C GLN A 317 -21.04 25.06 -7.52
N PHE A 318 -20.31 24.69 -8.58
CA PHE A 318 -19.63 25.67 -9.46
C PHE A 318 -20.54 26.12 -10.62
N HIS A 319 -21.72 25.52 -10.75
CA HIS A 319 -22.72 25.81 -11.82
C HIS A 319 -22.08 25.52 -13.19
N ILE A 320 -21.34 24.42 -13.30
CA ILE A 320 -20.68 23.98 -14.56
C ILE A 320 -21.52 22.86 -15.14
N PRO A 321 -21.87 22.88 -16.45
CA PRO A 321 -22.57 21.75 -17.07
C PRO A 321 -21.67 20.51 -17.00
N TRP A 322 -22.22 19.39 -16.54
CA TRP A 322 -21.53 18.08 -16.55
C TRP A 322 -22.56 16.96 -16.73
N SER A 323 -22.33 16.09 -17.72
CA SER A 323 -23.26 14.99 -18.12
C SER A 323 -22.56 13.64 -18.02
PG ANP B . 5.43 -3.44 0.04
O1G ANP B . 4.54 -3.97 -0.97
O2G ANP B . 6.53 -2.78 -0.67
O3G ANP B . 4.74 -2.47 0.83
PB ANP B . 5.70 -4.95 2.54
O1B ANP B . 4.42 -4.37 2.99
O2B ANP B . 6.87 -4.81 3.40
N3B ANP B . 5.98 -4.64 0.98
PA ANP B . 4.39 -7.53 2.12
O1A ANP B . 3.38 -7.68 3.19
O2A ANP B . 3.88 -7.17 0.78
O3A ANP B . 5.49 -6.50 2.61
O5' ANP B . 5.26 -8.85 2.01
C5' ANP B . 6.39 -8.85 1.16
C4' ANP B . 6.35 -10.05 0.23
O4' ANP B . 6.43 -11.26 1.00
C3' ANP B . 5.07 -10.20 -0.58
O3' ANP B . 5.14 -9.45 -1.78
C2' ANP B . 5.07 -11.70 -0.87
O2' ANP B . 5.92 -12.04 -1.93
C1' ANP B . 5.59 -12.25 0.45
N9 ANP B . 4.56 -12.59 1.40
C8 ANP B . 3.99 -11.80 2.34
N7 ANP B . 3.09 -12.42 3.05
C5 ANP B . 3.07 -13.70 2.54
C6 ANP B . 2.33 -14.85 2.87
N6 ANP B . 1.45 -14.90 3.86
N1 ANP B . 2.57 -15.97 2.15
C2 ANP B . 3.48 -15.92 1.17
N3 ANP B . 4.23 -14.91 0.78
C4 ANP B . 3.98 -13.81 1.51
MG MG C . 3.23 -2.90 2.07
MG MG D . 3.68 -5.62 -0.46
MG MG E . -7.35 22.81 -16.91
MG MG F . 3.57 4.28 0.51
N15 KDJ G . 10.39 2.47 -5.85
C3 KDJ G . 8.20 3.13 -2.84
C4 KDJ G . 9.23 3.45 -3.93
C5 KDJ G . 9.45 2.18 -4.77
C6 KDJ G . 8.11 1.65 -5.36
C1 KDJ G . 7.09 1.46 -4.23
C2 KDJ G . 6.87 2.74 -3.49
O75 KDJ G . 13.03 -0.23 -7.85
PB5 KDJ G . 12.41 0.94 -8.52
O85 KDJ G . 10.94 0.91 -8.75
O95 KDJ G . 13.27 1.78 -9.39
C45 KDJ G . 12.44 2.19 -7.05
F55 KDJ G . 12.07 3.39 -7.50
F65 KDJ G . 13.69 2.31 -6.52
C25 KDJ G . 11.47 1.70 -5.93
O35 KDJ G . 11.83 0.81 -5.11
O14 KDJ G . 10.46 3.91 -3.31
PA4 KDJ G . 10.89 5.55 -3.43
O34 KDJ G . 11.67 5.56 -4.66
O44 KDJ G . 11.57 5.71 -2.15
O24 KDJ G . 9.67 6.41 -3.52
O13 KDJ G . 7.96 4.24 -1.98
PA3 KDJ G . 8.15 4.14 -0.36
O33 KDJ G . 7.25 3.10 0.03
O43 KDJ G . 7.83 5.55 0.08
O23 KDJ G . 9.61 3.81 -0.22
O12 KDJ G . 6.42 3.74 -4.38
PA2 KDJ G . 4.92 4.39 -4.13
O32 KDJ G . 4.12 3.40 -3.41
O42 KDJ G . 4.47 4.70 -5.47
O22 KDJ G . 5.19 5.56 -3.27
O11 KDJ G . 5.81 0.92 -4.68
PA1 KDJ G . 4.89 0.02 -3.61
O31 KDJ G . 4.18 0.94 -2.67
O41 KDJ G . 4.06 -0.65 -4.63
O21 KDJ G . 5.83 -0.92 -2.90
O16 KDJ G . 8.32 0.36 -5.90
PA6 KDJ G . 8.09 0.00 -7.48
O36 KDJ G . 8.46 1.20 -8.29
O46 KDJ G . 6.68 -0.44 -7.41
O26 KDJ G . 9.07 -1.11 -7.59
C ACT H . -9.85 13.34 6.43
O ACT H . -9.66 14.43 7.03
OXT ACT H . -9.66 13.16 5.19
CH3 ACT H . -10.30 12.16 7.30
C1 EDO I . -1.19 30.78 -1.36
O1 EDO I . -1.66 29.75 -2.21
C2 EDO I . -0.88 30.32 0.01
O2 EDO I . 0.05 29.25 0.07
C ACT J . 23.89 -10.53 -6.23
O ACT J . 23.19 -9.58 -5.85
OXT ACT J . 23.91 -11.65 -5.67
CH3 ACT J . 24.77 -10.33 -7.47
C1 EDO K . 1.12 -1.17 -3.96
O1 EDO K . 1.75 0.09 -3.97
C2 EDO K . 0.65 -1.54 -5.31
O2 EDO K . 0.25 -2.89 -5.40
C1 EDO L . -7.64 -17.95 -8.75
O1 EDO L . -7.50 -19.27 -9.25
C2 EDO L . -6.33 -17.32 -8.44
O2 EDO L . -5.52 -18.11 -7.57
C1 EDO M . -5.21 -1.30 -17.96
O1 EDO M . -5.25 -2.21 -16.86
C2 EDO M . -4.03 -0.40 -17.98
O2 EDO M . -4.02 0.56 -16.93
C ACT N . -10.38 15.87 -20.86
O ACT N . -10.96 16.47 -19.92
OXT ACT N . -9.28 15.31 -20.74
CH3 ACT N . -11.08 15.84 -22.22
C1 EDO O . 2.75 13.59 12.21
O1 EDO O . 2.29 14.75 11.55
C2 EDO O . 2.27 12.35 11.58
O2 EDO O . 2.84 12.08 10.30
#